data_7I2T
#
_entry.id   7I2T
#
_cell.length_a   82.338
_cell.length_b   116.214
_cell.length_c   148.020
_cell.angle_alpha   90.00
_cell.angle_beta   90.00
_cell.angle_gamma   90.00
#
_symmetry.space_group_name_H-M   'I 2 2 2'
#
loop_
_entity.id
_entity.type
_entity.pdbx_description
1 polymer 'NS5 RNA-dependent RNA polymerase'
2 non-polymer 'ZINC ION'
3 non-polymer '2-(N-MORPHOLINO)-ETHANESULFONIC ACID'
4 non-polymer 'DIMETHYL SULFOXIDE'
5 non-polymer 'PHOSPHATE ION'
6 non-polymer DI(HYDROXYETHYL)ETHER
7 non-polymer 'CHLORIDE ION'
8 non-polymer [4-(cyclopropanecarbonyl)piperazin-1-yl](furan-2-yl)methanone
9 water water
#
_entity_poly.entity_id   1
_entity_poly.type   'polypeptide(L)'
_entity_poly.pdbx_seq_one_letter_code
;GPGIESETPNLDIIGKRIEKIKQEHETSWHYDQDHPYKTWAYHGSYETKQTGSASSMVNGVVRLLTKPWDIIPMVTQMAM
TDTTPFGQQRVFKEKVDTRTQEPKEGTKKLMKITAEWLWKELGKKKTPRMCTREEFTRKVRSNAALGAIFTDENKWKSAR
EAVEDSGFWELVDKERNLHLEGKCETCVYNMMGKREKKLGEFGKAKGSRAIWYMWLGARFLEFEALGFLNEDHWFSRENS
LSGVEGEGLHKLGYILRDVSKKEGGAMYADDTAGWDTRITLEDLKNEEMVTNHMEGEHKKLAEAIFKLTYQNKVVRVQRP
TPRGTVMDIISRRDQRGSGQVVTYGLNTFTNMEAQLIRQMEGEGVFKSIQHLTVTEEIAVKNWLVRVGRERLSRMAISGD
DCVVKPLDDRFASALTALNDMGKVRKDIQQWEPSRGWNDWTQVPFCSHHFHELIMKDGRVLVVPCRNQDELIGRARISQG
AGWSLRETACLGKSYAQMWSLMYFHRRDLRLAANAICSAVPSHWVPTSRTTWSIHATHEWMTTEDMLTVWNRVWIQENPW
MEDKTPVESWEEIPYLGKREDQWCGSLIGLTSRATWAKNIQTAINQVRSLIGNEEYTDYMPSMKRFRREEEEAGVLW
;
_entity_poly.pdbx_strand_id   A
#
loop_
_chem_comp.id
_chem_comp.type
_chem_comp.name
_chem_comp.formula
CL non-polymer 'CHLORIDE ION' 'Cl -1'
DMS non-polymer 'DIMETHYL SULFOXIDE' 'C2 H6 O S'
JMM non-polymer [4-(cyclopropanecarbonyl)piperazin-1-yl](furan-2-yl)methanone 'C13 H16 N2 O3'
MES non-polymer '2-(N-MORPHOLINO)-ETHANESULFONIC ACID' 'C6 H13 N O4 S'
PEG non-polymer DI(HYDROXYETHYL)ETHER 'C4 H10 O3'
PO4 non-polymer 'PHOSPHATE ION' 'O4 P -3'
ZN non-polymer 'ZINC ION' 'Zn 2'
#
# COMPACT_ATOMS: atom_id res chain seq x y z
N ASN A 10 -25.93 7.08 -18.88
CA ASN A 10 -24.52 7.50 -18.91
C ASN A 10 -24.41 9.02 -18.79
N LEU A 11 -24.69 9.75 -19.87
CA LEU A 11 -24.49 11.21 -19.85
C LEU A 11 -25.46 11.85 -18.88
N ASP A 12 -26.50 11.12 -18.48
CA ASP A 12 -27.42 11.64 -17.45
C ASP A 12 -26.67 11.73 -16.12
N ILE A 13 -25.63 10.92 -15.94
CA ILE A 13 -24.90 10.88 -14.63
C ILE A 13 -23.63 11.74 -14.74
N ILE A 14 -23.04 11.83 -15.92
CA ILE A 14 -21.76 12.58 -16.09
C ILE A 14 -21.99 13.94 -16.76
N GLY A 15 -23.13 14.16 -17.39
CA GLY A 15 -23.37 15.41 -18.16
C GLY A 15 -23.20 16.69 -17.35
N LYS A 16 -23.84 16.78 -16.18
CA LYS A 16 -23.79 18.00 -15.35
C LYS A 16 -22.33 18.38 -15.06
N ARG A 17 -21.52 17.41 -14.68
CA ARG A 17 -20.08 17.67 -14.40
C ARG A 17 -19.43 18.19 -15.69
N ILE A 18 -19.76 17.56 -16.82
CA ILE A 18 -19.16 17.96 -18.12
C ILE A 18 -19.64 19.38 -18.45
N GLU A 19 -20.94 19.66 -18.26
CA GLU A 19 -21.49 21.00 -18.59
C GLU A 19 -20.82 22.05 -17.73
N LYS A 20 -20.68 21.79 -16.42
CA LYS A 20 -20.11 22.80 -15.51
C LYS A 20 -18.69 23.15 -15.96
N ILE A 21 -17.92 22.15 -16.38
CA ILE A 21 -16.50 22.43 -16.74
C ILE A 21 -16.44 23.21 -18.05
N LYS A 22 -17.30 22.86 -19.01
CA LYS A 22 -17.30 23.55 -20.32
C LYS A 22 -17.47 25.05 -20.08
N GLN A 23 -18.31 25.43 -19.14
CA GLN A 23 -18.60 26.86 -18.88
C GLN A 23 -17.37 27.59 -18.29
N GLU A 24 -16.63 26.99 -17.37
CA GLU A 24 -15.49 27.71 -16.73
C GLU A 24 -14.39 27.89 -17.77
N HIS A 25 -14.57 27.31 -18.95
CA HIS A 25 -13.60 27.42 -20.08
C HIS A 25 -14.38 27.58 -21.41
N GLU A 26 -15.40 28.44 -21.45
CA GLU A 26 -16.24 28.58 -22.68
C GLU A 26 -15.45 29.27 -23.80
N THR A 27 -14.39 30.00 -23.46
CA THR A 27 -13.54 30.61 -24.51
C THR A 27 -12.37 29.68 -24.83
N SER A 28 -12.64 28.38 -25.02
CA SER A 28 -11.58 27.41 -25.38
C SER A 28 -12.20 26.07 -25.76
N TRP A 29 -13.41 25.78 -25.28
CA TRP A 29 -14.00 24.43 -25.53
C TRP A 29 -13.80 24.04 -26.99
N HIS A 30 -13.12 22.91 -27.23
CA HIS A 30 -12.85 22.45 -28.62
C HIS A 30 -12.92 20.91 -28.70
N TYR A 31 -13.82 20.39 -29.53
CA TYR A 31 -13.94 18.92 -29.72
C TYR A 31 -12.84 18.42 -30.66
N ASP A 32 -11.60 18.36 -30.18
CA ASP A 32 -10.48 17.85 -31.01
C ASP A 32 -10.94 16.58 -31.72
N GLN A 33 -10.47 16.37 -32.96
CA GLN A 33 -10.82 15.14 -33.71
C GLN A 33 -9.56 14.30 -33.83
N ASP A 34 -8.46 14.80 -33.28
CA ASP A 34 -7.19 14.01 -33.28
C ASP A 34 -6.95 13.46 -31.88
N HIS A 35 -8.01 13.19 -31.12
CA HIS A 35 -7.87 12.74 -29.70
C HIS A 35 -7.25 11.34 -29.64
N PRO A 36 -6.35 11.05 -28.68
CA PRO A 36 -5.66 9.76 -28.59
C PRO A 36 -6.38 8.68 -27.78
N TYR A 37 -7.68 8.83 -27.52
CA TYR A 37 -8.45 7.91 -26.65
C TYR A 37 -9.22 6.92 -27.53
N LYS A 38 -9.09 5.62 -27.24
CA LYS A 38 -9.98 4.56 -27.79
C LYS A 38 -10.95 4.04 -26.73
N THR A 39 -10.45 3.66 -25.54
CA THR A 39 -11.24 2.97 -24.47
C THR A 39 -11.93 4.00 -23.55
N TRP A 40 -11.31 5.16 -23.36
CA TRP A 40 -11.88 6.36 -22.68
C TRP A 40 -12.79 7.10 -23.65
N ALA A 41 -13.97 7.53 -23.17
CA ALA A 41 -14.85 8.38 -23.99
C ALA A 41 -14.35 9.83 -23.88
N TYR A 42 -14.05 10.45 -25.02
CA TYR A 42 -13.56 11.86 -25.03
C TYR A 42 -14.77 12.80 -25.13
N HIS A 43 -14.70 13.94 -24.44
CA HIS A 43 -15.87 14.86 -24.42
C HIS A 43 -15.46 16.23 -24.97
N GLY A 44 -14.26 16.69 -24.65
CA GLY A 44 -13.83 18.02 -25.11
C GLY A 44 -12.47 18.41 -24.57
N SER A 45 -11.98 19.60 -24.96
CA SER A 45 -10.65 20.07 -24.52
C SER A 45 -10.72 21.56 -24.15
N TYR A 46 -9.70 22.07 -23.47
CA TYR A 46 -9.65 23.52 -23.09
C TYR A 46 -8.19 23.89 -22.74
N GLU A 47 -7.87 25.18 -22.78
CA GLU A 47 -6.49 25.73 -22.66
C GLU A 47 -6.01 25.68 -21.21
N THR A 48 -4.77 25.24 -20.99
CA THR A 48 -4.12 25.11 -19.66
C THR A 48 -2.59 25.14 -19.83
N ALA A 54 7.59 17.79 -10.68
CA ALA A 54 7.56 17.17 -9.32
C ALA A 54 8.57 16.02 -9.27
N SER A 55 9.83 16.28 -9.67
CA SER A 55 10.95 15.30 -9.67
C SER A 55 11.41 15.03 -8.24
N SER A 56 12.14 13.92 -8.06
CA SER A 56 12.73 13.49 -6.76
C SER A 56 13.99 14.31 -6.47
N MET A 57 14.14 14.79 -5.24
CA MET A 57 15.33 15.58 -4.79
C MET A 57 16.22 14.71 -3.87
N VAL A 58 17.51 14.97 -3.78
CA VAL A 58 18.41 14.14 -2.93
C VAL A 58 18.41 14.67 -1.49
N ASN A 59 18.30 13.77 -0.50
CA ASN A 59 18.53 14.03 0.93
C ASN A 59 20.02 14.07 1.22
N GLY A 60 20.57 15.26 1.38
CA GLY A 60 22.00 15.50 1.63
C GLY A 60 22.55 14.89 2.91
N VAL A 61 21.75 14.88 3.98
CA VAL A 61 22.18 14.27 5.25
C VAL A 61 22.43 12.77 5.04
N VAL A 62 21.47 12.06 4.44
CA VAL A 62 21.61 10.58 4.22
C VAL A 62 22.77 10.34 3.23
N ARG A 63 22.86 11.12 2.15
CA ARG A 63 23.89 10.84 1.13
C ARG A 63 25.27 11.07 1.71
N LEU A 64 25.49 12.14 2.49
CA LEU A 64 26.84 12.37 3.08
C LEU A 64 27.23 11.23 4.02
N LEU A 65 26.28 10.53 4.62
CA LEU A 65 26.61 9.45 5.60
C LEU A 65 26.57 8.05 4.97
N THR A 66 26.42 7.97 3.66
CA THR A 66 26.40 6.71 2.88
C THR A 66 27.34 6.84 1.66
N LYS A 67 28.52 7.37 1.84
CA LYS A 67 29.47 7.67 0.74
C LYS A 67 29.79 6.45 -0.13
N PRO A 68 29.98 5.22 0.36
CA PRO A 68 30.36 4.08 -0.52
C PRO A 68 29.33 3.85 -1.63
N TRP A 69 28.05 4.25 -1.39
CA TRP A 69 26.93 4.02 -2.33
C TRP A 69 26.93 5.08 -3.42
N ASP A 70 27.80 6.10 -3.32
CA ASP A 70 27.89 7.16 -4.35
C ASP A 70 28.34 6.57 -5.72
N ILE A 71 28.95 5.39 -5.73
CA ILE A 71 29.47 4.74 -6.95
C ILE A 71 28.70 3.46 -7.31
N ILE A 72 27.55 3.21 -6.67
CA ILE A 72 26.68 2.04 -6.94
C ILE A 72 25.51 2.50 -7.79
N PRO A 73 25.49 2.21 -9.12
CA PRO A 73 24.43 2.70 -9.99
C PRO A 73 23.01 2.29 -9.57
N MET A 74 22.84 1.14 -8.93
CA MET A 74 21.48 0.73 -8.50
C MET A 74 20.97 1.75 -7.47
N VAL A 75 21.84 2.34 -6.67
CA VAL A 75 21.45 3.44 -5.72
C VAL A 75 21.30 4.76 -6.46
N THR A 76 22.34 5.18 -7.17
CA THR A 76 22.42 6.54 -7.73
C THR A 76 21.41 6.79 -8.84
N GLN A 77 21.06 5.75 -9.59
CA GLN A 77 20.07 5.89 -10.70
C GLN A 77 18.67 6.07 -10.14
N MET A 78 18.38 5.61 -8.93
CA MET A 78 17.03 5.74 -8.32
C MET A 78 16.63 7.20 -8.16
N ALA A 79 17.58 8.14 -8.00
CA ALA A 79 17.26 9.58 -7.78
C ALA A 79 17.10 10.34 -9.12
N MET A 80 17.39 9.74 -10.27
CA MET A 80 17.37 10.47 -11.58
C MET A 80 15.96 10.50 -12.18
N THR A 81 15.67 11.47 -13.07
CA THR A 81 14.59 11.40 -14.10
C THR A 81 13.41 12.31 -13.81
N LYS A 93 -1.21 6.13 -20.08
CA LYS A 93 0.05 5.42 -19.74
C LYS A 93 0.13 4.12 -20.54
N GLU A 94 -0.76 3.94 -21.52
CA GLU A 94 -0.74 2.75 -22.41
C GLU A 94 -1.34 1.54 -21.69
N LYS A 95 -1.52 1.60 -20.36
CA LYS A 95 -2.19 0.51 -19.62
C LYS A 95 -3.59 0.99 -19.23
N VAL A 96 -3.71 2.28 -18.91
CA VAL A 96 -5.04 2.85 -18.55
C VAL A 96 -5.96 2.79 -19.78
N ASP A 97 -5.41 3.00 -20.98
CA ASP A 97 -6.26 3.01 -22.19
C ASP A 97 -6.44 1.57 -22.69
N THR A 98 -6.88 0.66 -21.81
CA THR A 98 -7.11 -0.75 -22.19
C THR A 98 -8.56 -1.13 -21.88
N ARG A 99 -9.03 -2.28 -22.37
CA ARG A 99 -10.43 -2.71 -22.14
C ARG A 99 -10.49 -4.19 -21.73
N THR A 100 -10.93 -4.48 -20.51
CA THR A 100 -11.09 -5.88 -20.03
C THR A 100 -12.44 -6.41 -20.50
N GLN A 101 -12.50 -7.67 -20.95
CA GLN A 101 -13.72 -8.30 -21.50
C GLN A 101 -14.70 -8.61 -20.35
N GLU A 102 -15.99 -8.74 -20.68
CA GLU A 102 -17.08 -9.20 -19.78
C GLU A 102 -16.83 -10.65 -19.35
N PRO A 103 -16.78 -10.96 -18.03
CA PRO A 103 -16.67 -12.36 -17.62
C PRO A 103 -17.86 -13.20 -18.11
N LYS A 104 -17.65 -14.50 -18.30
CA LYS A 104 -18.72 -15.51 -18.57
C LYS A 104 -19.74 -15.53 -17.42
N GLU A 105 -20.88 -16.19 -17.65
CA GLU A 105 -22.02 -16.21 -16.71
C GLU A 105 -21.69 -17.04 -15.48
N GLY A 106 -20.98 -18.18 -15.64
CA GLY A 106 -20.54 -18.99 -14.48
C GLY A 106 -19.56 -18.19 -13.61
N THR A 107 -18.64 -17.41 -14.22
CA THR A 107 -17.66 -16.53 -13.53
C THR A 107 -18.39 -15.44 -12.73
N LYS A 108 -19.31 -14.69 -13.36
CA LYS A 108 -20.21 -13.70 -12.68
C LYS A 108 -21.00 -14.31 -11.50
N LYS A 109 -21.54 -15.52 -11.64
CA LYS A 109 -22.25 -16.22 -10.54
C LYS A 109 -21.29 -16.49 -9.37
N LEU A 110 -20.10 -17.04 -9.64
CA LEU A 110 -19.06 -17.36 -8.61
C LEU A 110 -18.71 -16.08 -7.84
N MET A 111 -18.50 -14.98 -8.55
CA MET A 111 -18.10 -13.69 -7.94
C MET A 111 -19.24 -13.13 -7.08
N LYS A 112 -20.52 -13.21 -7.51
CA LYS A 112 -21.67 -12.63 -6.78
C LYS A 112 -21.89 -13.46 -5.51
N ILE A 113 -21.89 -14.80 -5.62
CA ILE A 113 -22.06 -15.69 -4.43
C ILE A 113 -20.91 -15.43 -3.45
N THR A 114 -19.66 -15.37 -3.94
CA THR A 114 -18.48 -15.20 -3.04
C THR A 114 -18.49 -13.82 -2.37
N ALA A 115 -18.77 -12.77 -3.13
CA ALA A 115 -18.82 -11.38 -2.60
C ALA A 115 -19.91 -11.25 -1.53
N GLU A 116 -21.08 -11.83 -1.79
CA GLU A 116 -22.23 -11.78 -0.83
C GLU A 116 -21.77 -12.40 0.50
N TRP A 117 -21.17 -13.58 0.43
CA TRP A 117 -20.71 -14.30 1.62
C TRP A 117 -19.58 -13.50 2.30
N LEU A 118 -18.72 -12.81 1.54
CA LEU A 118 -17.52 -12.18 2.14
C LEU A 118 -17.94 -10.90 2.88
N TRP A 119 -18.80 -10.06 2.31
CA TRP A 119 -19.30 -8.85 3.04
C TRP A 119 -20.02 -9.26 4.33
N LYS A 120 -20.80 -10.34 4.29
CA LYS A 120 -21.44 -10.87 5.53
C LYS A 120 -20.40 -11.29 6.54
N GLU A 121 -19.36 -12.03 6.13
CA GLU A 121 -18.35 -12.44 7.13
C GLU A 121 -17.67 -11.20 7.69
N LEU A 122 -17.35 -10.21 6.84
CA LEU A 122 -16.51 -9.06 7.29
C LEU A 122 -17.37 -8.21 8.26
N GLY A 123 -18.67 -8.26 8.05
CA GLY A 123 -19.66 -7.47 8.81
C GLY A 123 -20.16 -8.18 10.06
N LYS A 124 -19.86 -9.46 10.26
CA LYS A 124 -20.31 -10.18 11.49
C LYS A 124 -19.92 -9.45 12.78
N LYS A 125 -18.71 -8.89 12.89
CA LYS A 125 -18.24 -8.23 14.14
C LYS A 125 -17.96 -6.74 13.94
N LYS A 126 -18.47 -6.12 12.89
CA LYS A 126 -18.24 -4.70 12.61
C LYS A 126 -19.57 -4.07 12.27
N THR A 127 -19.72 -2.76 12.51
CA THR A 127 -20.94 -1.99 12.15
C THR A 127 -20.56 -0.89 11.18
N PRO A 128 -21.05 -0.88 9.93
CA PRO A 128 -20.77 0.24 9.03
C PRO A 128 -21.29 1.54 9.67
N ARG A 129 -20.64 2.65 9.41
CA ARG A 129 -21.00 3.94 10.05
C ARG A 129 -20.37 5.06 9.23
N MET A 130 -20.98 6.25 9.27
CA MET A 130 -20.44 7.44 8.59
C MET A 130 -19.23 7.95 9.38
N CYS A 131 -18.23 8.41 8.66
CA CYS A 131 -17.08 9.14 9.22
C CYS A 131 -17.45 10.63 9.25
N THR A 132 -16.86 11.38 10.18
CA THR A 132 -17.36 12.74 10.55
C THR A 132 -16.42 13.84 10.07
N ARG A 133 -16.97 15.04 9.84
CA ARG A 133 -16.19 16.28 9.56
C ARG A 133 -15.11 16.45 10.63
N GLU A 134 -15.42 16.09 11.86
CA GLU A 134 -14.43 16.19 12.95
C GLU A 134 -13.27 15.24 12.63
N GLU A 135 -13.58 13.98 12.33
CA GLU A 135 -12.51 12.99 12.01
C GLU A 135 -11.71 13.46 10.80
N PHE A 136 -12.39 13.96 9.78
CA PHE A 136 -11.71 14.40 8.54
C PHE A 136 -10.81 15.61 8.86
N THR A 137 -11.34 16.56 9.63
CA THR A 137 -10.54 17.76 10.01
C THR A 137 -9.29 17.31 10.77
N ARG A 138 -9.45 16.38 11.70
CA ARG A 138 -8.30 15.96 12.53
C ARG A 138 -7.25 15.32 11.65
N LYS A 139 -7.67 14.60 10.61
CA LYS A 139 -6.71 13.92 9.72
C LYS A 139 -5.89 14.98 8.98
N VAL A 140 -6.56 15.97 8.40
CA VAL A 140 -5.85 17.01 7.60
C VAL A 140 -4.92 17.80 8.53
N ARG A 141 -5.35 18.06 9.76
CA ARG A 141 -4.54 18.89 10.69
C ARG A 141 -3.37 18.07 11.23
N SER A 142 -3.17 16.87 10.68
CA SER A 142 -2.03 16.03 11.08
C SER A 142 -1.43 15.36 9.83
N ASN A 143 -1.66 15.97 8.67
CA ASN A 143 -1.15 15.40 7.40
C ASN A 143 -1.29 13.87 7.45
N LYS A 155 -9.21 28.91 -4.24
CA LYS A 155 -9.48 29.94 -3.19
C LYS A 155 -8.61 29.66 -1.97
N TRP A 156 -8.85 28.54 -1.28
CA TRP A 156 -8.07 28.18 -0.06
C TRP A 156 -6.70 27.67 -0.50
N LYS A 157 -5.65 28.11 0.19
CA LYS A 157 -4.26 27.70 -0.19
C LYS A 157 -4.05 26.21 0.08
N SER A 158 -4.37 25.76 1.29
CA SER A 158 -4.09 24.36 1.67
C SER A 158 -5.35 23.68 2.19
N ALA A 159 -5.26 22.38 2.48
CA ALA A 159 -6.41 21.62 3.02
C ALA A 159 -6.74 22.14 4.43
N ARG A 160 -5.72 22.38 5.24
CA ARG A 160 -5.93 22.89 6.61
C ARG A 160 -6.77 24.17 6.54
N GLU A 161 -6.52 25.00 5.52
CA GLU A 161 -7.26 26.29 5.39
C GLU A 161 -8.73 26.01 5.06
N ALA A 162 -8.99 25.13 4.08
CA ALA A 162 -10.37 24.86 3.65
C ALA A 162 -11.18 24.25 4.79
N VAL A 163 -10.57 23.34 5.55
CA VAL A 163 -11.29 22.63 6.65
C VAL A 163 -11.83 23.65 7.63
N GLU A 164 -11.19 24.80 7.74
CA GLU A 164 -11.60 25.82 8.75
C GLU A 164 -12.59 26.82 8.13
N ASP A 165 -12.59 26.94 6.80
CA ASP A 165 -13.53 27.86 6.11
C ASP A 165 -14.92 27.22 6.03
N SER A 166 -15.89 27.85 6.69
CA SER A 166 -17.28 27.31 6.70
C SER A 166 -17.93 27.44 5.32
N GLY A 167 -17.31 28.21 4.41
CA GLY A 167 -17.72 28.32 3.00
C GLY A 167 -17.55 27.01 2.27
N PHE A 168 -16.39 26.36 2.46
CA PHE A 168 -16.06 25.00 1.96
C PHE A 168 -17.19 24.03 2.31
N TRP A 169 -17.51 23.92 3.60
CA TRP A 169 -18.56 22.97 4.12
C TRP A 169 -19.94 23.22 3.48
N GLU A 170 -20.23 24.49 3.13
CA GLU A 170 -21.49 24.90 2.47
C GLU A 170 -21.49 24.37 1.04
N LEU A 171 -20.31 24.27 0.43
CA LEU A 171 -20.10 23.64 -0.90
C LEU A 171 -20.33 22.13 -0.76
N VAL A 172 -19.72 21.50 0.25
CA VAL A 172 -19.90 20.06 0.57
C VAL A 172 -21.40 19.77 0.68
N ASP A 173 -22.13 20.59 1.44
CA ASP A 173 -23.59 20.43 1.69
C ASP A 173 -24.34 20.37 0.35
N LYS A 174 -24.04 21.30 -0.57
CA LYS A 174 -24.72 21.39 -1.88
C LYS A 174 -24.55 20.05 -2.61
N GLU A 175 -23.30 19.62 -2.80
CA GLU A 175 -22.93 18.32 -3.44
C GLU A 175 -23.62 17.18 -2.70
N ARG A 176 -23.50 17.17 -1.37
CA ARG A 176 -24.11 16.14 -0.47
C ARG A 176 -25.60 16.02 -0.80
N ASN A 177 -26.35 17.12 -0.70
CA ASN A 177 -27.80 17.15 -1.03
C ASN A 177 -28.03 16.68 -2.47
N LEU A 178 -27.16 17.05 -3.41
CA LEU A 178 -27.24 16.54 -4.81
C LEU A 178 -27.05 15.01 -4.85
N HIS A 179 -26.10 14.45 -4.09
CA HIS A 179 -25.88 12.97 -4.04
C HIS A 179 -27.16 12.29 -3.52
N LEU A 180 -27.74 12.77 -2.40
CA LEU A 180 -29.03 12.28 -1.81
C LEU A 180 -30.12 12.31 -2.89
N GLU A 181 -30.06 13.30 -3.78
CA GLU A 181 -30.99 13.51 -4.92
C GLU A 181 -30.54 12.64 -6.13
N GLY A 182 -29.44 11.88 -6.02
CA GLY A 182 -28.98 10.92 -7.05
C GLY A 182 -28.21 11.57 -8.19
N LYS A 183 -27.56 12.72 -7.98
CA LYS A 183 -26.90 13.51 -9.04
C LYS A 183 -25.54 14.02 -8.53
N CYS A 184 -24.63 14.42 -9.43
CA CYS A 184 -23.25 14.83 -9.07
C CYS A 184 -22.85 16.05 -9.93
N GLU A 185 -22.13 17.01 -9.33
CA GLU A 185 -21.70 18.24 -10.06
C GLU A 185 -20.18 18.49 -10.06
N THR A 186 -19.50 18.18 -8.95
CA THR A 186 -18.10 18.61 -8.69
C THR A 186 -17.16 17.44 -8.36
N CYS A 187 -17.63 16.20 -8.35
CA CYS A 187 -16.77 15.00 -8.06
C CYS A 187 -16.07 14.52 -9.36
N VAL A 188 -14.99 15.19 -9.72
CA VAL A 188 -14.19 15.01 -10.98
C VAL A 188 -12.75 14.58 -10.63
N TYR A 189 -12.22 13.57 -11.30
CA TYR A 189 -10.82 13.11 -11.09
C TYR A 189 -9.84 13.92 -11.93
N ASN A 190 -8.58 14.00 -11.46
CA ASN A 190 -7.39 14.57 -12.15
C ASN A 190 -6.26 13.53 -12.23
N MET A 191 -5.81 13.18 -13.45
CA MET A 191 -4.81 12.10 -13.69
C MET A 191 -3.39 12.66 -13.47
N MET A 192 -2.43 11.80 -13.09
CA MET A 192 -1.00 12.14 -12.83
C MET A 192 -0.22 10.88 -12.46
N SER A 208 3.95 1.89 -13.69
CA SER A 208 2.82 1.08 -13.15
C SER A 208 2.12 1.84 -12.01
N ARG A 209 2.09 3.18 -12.08
CA ARG A 209 1.43 4.07 -11.08
C ARG A 209 0.64 5.16 -11.85
N ALA A 210 -0.55 5.52 -11.35
CA ALA A 210 -1.45 6.56 -11.90
C ALA A 210 -2.41 7.05 -10.80
N ILE A 211 -2.22 8.27 -10.29
CA ILE A 211 -2.89 8.80 -9.06
C ILE A 211 -3.96 9.83 -9.45
N TRP A 212 -5.19 9.59 -9.02
CA TRP A 212 -6.38 10.39 -9.39
C TRP A 212 -6.75 11.27 -8.20
N TYR A 213 -6.18 12.46 -8.10
CA TYR A 213 -6.58 13.52 -7.13
C TYR A 213 -7.97 14.04 -7.50
N MET A 214 -8.80 14.30 -6.49
CA MET A 214 -10.05 15.11 -6.58
C MET A 214 -9.87 16.28 -5.64
N TRP A 215 -10.77 17.27 -5.70
CA TRP A 215 -10.77 18.37 -4.71
C TRP A 215 -11.20 17.83 -3.34
N LEU A 216 -10.81 18.56 -2.29
CA LEU A 216 -10.90 18.09 -0.89
C LEU A 216 -12.35 17.74 -0.54
N GLY A 217 -13.32 18.47 -1.10
CA GLY A 217 -14.76 18.31 -0.84
C GLY A 217 -15.26 16.93 -1.25
N ALA A 218 -14.94 16.52 -2.48
CA ALA A 218 -15.23 15.16 -3.03
C ALA A 218 -14.56 14.10 -2.15
N ARG A 219 -13.31 14.32 -1.74
CA ARG A 219 -12.54 13.40 -0.86
C ARG A 219 -13.29 13.23 0.45
N PHE A 220 -13.88 14.32 0.96
CA PHE A 220 -14.65 14.28 2.23
C PHE A 220 -15.84 13.33 2.06
N LEU A 221 -16.62 13.55 1.00
CA LEU A 221 -17.86 12.79 0.72
C LEU A 221 -17.52 11.30 0.54
N GLU A 222 -16.39 11.00 -0.09
CA GLU A 222 -15.89 9.60 -0.19
C GLU A 222 -15.60 9.11 1.23
N PHE A 223 -14.86 9.87 2.06
CA PHE A 223 -14.42 9.46 3.43
C PHE A 223 -15.63 9.25 4.35
N GLU A 224 -16.64 10.11 4.19
CA GLU A 224 -17.87 10.11 5.02
C GLU A 224 -18.58 8.77 4.82
N ALA A 225 -18.62 8.28 3.58
CA ALA A 225 -19.44 7.14 3.18
C ALA A 225 -18.66 5.84 3.33
N LEU A 226 -17.33 5.86 3.15
CA LEU A 226 -16.54 4.60 2.96
C LEU A 226 -15.28 4.56 3.82
N GLY A 227 -15.00 5.62 4.58
CA GLY A 227 -13.85 5.68 5.49
C GLY A 227 -13.86 4.62 6.56
N PHE A 228 -15.04 4.15 6.95
CA PHE A 228 -15.18 3.15 8.04
C PHE A 228 -14.35 1.90 7.69
N LEU A 229 -14.25 1.55 6.41
CA LEU A 229 -13.50 0.32 5.99
C LEU A 229 -12.08 0.38 6.56
N ASN A 230 -11.42 1.51 6.43
CA ASN A 230 -10.05 1.71 6.98
C ASN A 230 -10.09 2.16 8.45
N GLU A 231 -10.90 3.15 8.77
CA GLU A 231 -10.92 3.71 10.16
C GLU A 231 -11.27 2.60 11.16
N ASP A 232 -12.15 1.63 10.81
CA ASP A 232 -12.61 0.57 11.76
C ASP A 232 -12.00 -0.81 11.41
N HIS A 233 -10.95 -0.83 10.60
CA HIS A 233 -10.03 -1.99 10.44
C HIS A 233 -10.79 -3.23 9.94
N TRP A 234 -11.59 -3.06 8.91
CA TRP A 234 -12.41 -4.15 8.31
C TRP A 234 -11.45 -5.21 7.71
N PHE A 235 -10.26 -4.80 7.31
CA PHE A 235 -9.26 -5.72 6.70
C PHE A 235 -8.11 -6.03 7.66
N SER A 236 -8.28 -5.82 8.98
CA SER A 236 -7.36 -6.40 10.00
C SER A 236 -7.31 -7.92 9.81
N ARG A 237 -6.26 -8.58 10.28
CA ARG A 237 -6.23 -10.06 10.19
C ARG A 237 -7.30 -10.70 11.10
N GLU A 238 -7.54 -10.13 12.28
CA GLU A 238 -8.53 -10.69 13.22
C GLU A 238 -9.92 -10.70 12.59
N ASN A 239 -10.26 -9.65 11.84
CA ASN A 239 -11.61 -9.53 11.24
C ASN A 239 -11.75 -10.23 9.88
N SER A 240 -10.72 -10.16 9.03
CA SER A 240 -10.82 -10.67 7.63
C SER A 240 -10.11 -12.02 7.42
N LEU A 241 -9.25 -12.43 8.36
CA LEU A 241 -8.49 -13.72 8.31
C LEU A 241 -7.37 -13.70 7.25
N SER A 242 -7.65 -13.18 6.06
CA SER A 242 -6.63 -13.10 4.97
C SER A 242 -5.90 -11.76 5.03
N GLY A 243 -6.56 -10.75 5.57
CA GLY A 243 -5.98 -9.40 5.57
C GLY A 243 -4.82 -9.18 6.51
N VAL A 244 -4.13 -8.08 6.33
CA VAL A 244 -2.97 -7.69 7.17
C VAL A 244 -3.04 -6.18 7.46
N GLU A 245 -4.21 -5.55 7.33
CA GLU A 245 -4.29 -4.06 7.52
C GLU A 245 -3.93 -3.74 8.96
N GLY A 246 -3.02 -2.79 9.14
CA GLY A 246 -2.51 -2.39 10.47
C GLY A 246 -1.44 -3.31 11.08
N GLU A 247 -0.95 -4.27 10.27
CA GLU A 247 0.21 -5.15 10.62
C GLU A 247 1.51 -4.51 10.13
N GLY A 248 2.38 -4.15 11.06
CA GLY A 248 3.73 -3.65 10.75
C GLY A 248 4.60 -4.70 10.08
N LEU A 249 5.60 -4.25 9.36
N LEU A 249 5.63 -4.28 9.34
CA LEU A 249 6.62 -5.10 8.71
CA LEU A 249 6.63 -5.17 8.70
C LEU A 249 7.18 -6.09 9.72
C LEU A 249 7.14 -6.16 9.74
N HIS A 250 7.12 -5.80 11.02
CA HIS A 250 7.65 -6.73 12.07
C HIS A 250 6.67 -7.88 12.38
N LYS A 251 5.48 -7.85 11.77
CA LYS A 251 4.41 -8.86 11.96
C LYS A 251 4.30 -9.74 10.70
N LEU A 252 4.62 -9.20 9.53
CA LEU A 252 4.28 -9.87 8.23
C LEU A 252 5.03 -11.18 8.08
N GLY A 253 6.27 -11.27 8.57
CA GLY A 253 7.03 -12.51 8.44
C GLY A 253 6.46 -13.60 9.33
N TYR A 254 6.12 -13.26 10.57
CA TYR A 254 5.45 -14.20 11.49
C TYR A 254 4.11 -14.67 10.88
N ILE A 255 3.33 -13.80 10.25
CA ILE A 255 2.07 -14.18 9.59
C ILE A 255 2.36 -15.21 8.47
N LEU A 256 3.34 -14.96 7.62
CA LEU A 256 3.68 -15.91 6.53
C LEU A 256 4.16 -17.25 7.11
N ARG A 257 4.96 -17.25 8.18
CA ARG A 257 5.41 -18.50 8.85
C ARG A 257 4.17 -19.23 9.42
N ASP A 258 3.16 -18.53 9.92
CA ASP A 258 1.94 -19.22 10.44
C ASP A 258 1.19 -19.89 9.26
N VAL A 259 1.07 -19.24 8.13
CA VAL A 259 0.42 -19.81 6.93
C VAL A 259 1.21 -21.05 6.49
N SER A 260 2.55 -21.00 6.53
CA SER A 260 3.46 -22.11 6.16
C SER A 260 3.18 -23.35 7.02
N LYS A 261 2.65 -23.19 8.22
CA LYS A 261 2.42 -24.31 9.18
C LYS A 261 1.19 -25.15 8.79
N LYS A 262 0.32 -24.60 7.96
CA LYS A 262 -0.88 -25.31 7.44
C LYS A 262 -0.42 -26.45 6.55
N GLU A 263 -1.09 -27.58 6.63
CA GLU A 263 -0.89 -28.68 5.64
C GLU A 263 -1.31 -28.12 4.28
N GLY A 264 -0.55 -28.37 3.24
CA GLY A 264 -1.00 -28.13 1.86
C GLY A 264 0.12 -28.09 0.88
N GLY A 265 -0.07 -27.38 -0.24
CA GLY A 265 0.91 -27.39 -1.34
C GLY A 265 1.96 -26.30 -1.18
N ALA A 266 2.52 -25.86 -2.30
CA ALA A 266 3.51 -24.76 -2.35
C ALA A 266 2.83 -23.47 -1.89
N MET A 267 3.61 -22.41 -1.63
CA MET A 267 3.06 -21.05 -1.40
C MET A 267 3.13 -20.29 -2.72
N TYR A 268 1.99 -19.78 -3.19
CA TYR A 268 1.87 -19.07 -4.46
C TYR A 268 1.76 -17.58 -4.17
N ALA A 269 2.49 -16.79 -4.96
CA ALA A 269 2.58 -15.34 -4.82
C ALA A 269 2.58 -14.76 -6.21
N ASP A 270 1.49 -14.95 -6.95
CA ASP A 270 1.43 -14.46 -8.34
C ASP A 270 1.07 -12.98 -8.30
N ASP A 271 1.83 -12.11 -8.97
CA ASP A 271 1.48 -10.68 -9.17
C ASP A 271 0.53 -10.55 -10.36
N THR A 272 -0.43 -9.64 -10.27
CA THR A 272 -1.35 -9.30 -11.37
C THR A 272 -0.66 -8.24 -12.21
N ALA A 273 -0.77 -8.31 -13.53
CA ALA A 273 -0.32 -7.22 -14.44
C ALA A 273 -1.36 -6.08 -14.37
N GLY A 274 -0.99 -4.95 -13.78
CA GLY A 274 -1.79 -3.70 -13.68
C GLY A 274 -3.16 -3.93 -13.06
N TRP A 275 -3.18 -4.37 -11.81
CA TRP A 275 -4.42 -4.73 -11.07
C TRP A 275 -5.52 -3.66 -11.27
N ASP A 276 -5.23 -2.40 -11.04
CA ASP A 276 -6.26 -1.29 -11.04
C ASP A 276 -6.91 -1.20 -12.43
N THR A 277 -6.16 -1.50 -13.50
CA THR A 277 -6.70 -1.46 -14.89
C THR A 277 -7.57 -2.69 -15.18
N ARG A 278 -7.54 -3.76 -14.37
CA ARG A 278 -8.30 -5.02 -14.63
C ARG A 278 -9.54 -5.13 -13.75
N ILE A 279 -9.88 -4.11 -12.95
CA ILE A 279 -11.13 -4.06 -12.16
C ILE A 279 -12.29 -3.86 -13.15
N THR A 280 -13.19 -4.83 -13.23
CA THR A 280 -14.31 -4.85 -14.21
C THR A 280 -15.50 -4.11 -13.61
N LEU A 281 -16.48 -3.74 -14.43
CA LEU A 281 -17.74 -3.16 -13.88
C LEU A 281 -18.40 -4.21 -12.96
N GLU A 282 -18.22 -5.51 -13.23
CA GLU A 282 -18.79 -6.59 -12.35
C GLU A 282 -18.13 -6.55 -10.96
N ASP A 283 -16.81 -6.41 -10.90
CA ASP A 283 -16.05 -6.18 -9.63
C ASP A 283 -16.64 -4.96 -8.88
N LEU A 284 -16.82 -3.80 -9.53
CA LEU A 284 -17.37 -2.56 -8.88
C LEU A 284 -18.79 -2.79 -8.30
N LYS A 285 -19.62 -3.63 -8.94
CA LYS A 285 -21.00 -4.00 -8.50
C LYS A 285 -20.94 -4.95 -7.31
N ASN A 286 -20.00 -5.88 -7.27
CA ASN A 286 -19.85 -6.76 -6.09
C ASN A 286 -19.31 -5.95 -4.90
N GLU A 287 -18.41 -5.00 -5.11
CA GLU A 287 -17.85 -4.12 -4.05
C GLU A 287 -18.98 -3.23 -3.46
N GLU A 288 -19.83 -2.69 -4.34
CA GLU A 288 -21.05 -1.90 -3.97
C GLU A 288 -21.98 -2.64 -2.99
N MET A 289 -21.98 -3.97 -2.98
CA MET A 289 -22.86 -4.76 -2.07
C MET A 289 -22.53 -4.49 -0.60
N VAL A 290 -21.43 -3.81 -0.28
CA VAL A 290 -21.23 -3.42 1.15
C VAL A 290 -22.40 -2.53 1.59
N THR A 291 -22.99 -1.74 0.70
CA THR A 291 -24.16 -0.86 1.04
C THR A 291 -25.37 -1.68 1.53
N ASN A 292 -25.47 -2.98 1.18
CA ASN A 292 -26.55 -3.88 1.67
C ASN A 292 -26.52 -4.02 3.20
N HIS A 293 -25.41 -3.67 3.83
CA HIS A 293 -25.20 -3.83 5.30
C HIS A 293 -25.43 -2.49 6.00
N MET A 294 -25.80 -1.47 5.23
CA MET A 294 -25.91 -0.09 5.73
C MET A 294 -27.39 0.26 5.92
N GLU A 295 -27.68 1.46 6.42
CA GLU A 295 -29.07 1.91 6.67
C GLU A 295 -29.19 3.41 6.59
N GLY A 296 -30.43 3.86 6.38
CA GLY A 296 -30.82 5.28 6.40
C GLY A 296 -30.01 6.07 5.39
N GLU A 297 -29.55 7.21 5.86
CA GLU A 297 -28.77 8.21 5.10
C GLU A 297 -27.47 7.56 4.57
N HIS A 298 -26.72 6.88 5.44
CA HIS A 298 -25.38 6.33 5.13
C HIS A 298 -25.54 5.46 3.89
N LYS A 299 -26.52 4.56 3.89
CA LYS A 299 -26.82 3.69 2.76
C LYS A 299 -26.93 4.54 1.50
N LYS A 300 -27.64 5.68 1.56
CA LYS A 300 -27.90 6.49 0.34
C LYS A 300 -26.60 7.19 -0.08
N LEU A 301 -25.85 7.73 0.86
CA LEU A 301 -24.60 8.48 0.57
C LEU A 301 -23.57 7.49 -0.04
N ALA A 302 -23.42 6.29 0.52
CA ALA A 302 -22.49 5.24 0.02
C ALA A 302 -22.91 4.82 -1.38
N GLU A 303 -24.21 4.61 -1.59
CA GLU A 303 -24.76 4.19 -2.91
C GLU A 303 -24.41 5.22 -3.97
N ALA A 304 -24.43 6.50 -3.61
CA ALA A 304 -24.13 7.61 -4.54
C ALA A 304 -22.64 7.60 -4.89
N ILE A 305 -21.77 7.38 -3.90
CA ILE A 305 -20.31 7.34 -4.19
C ILE A 305 -20.09 6.22 -5.22
N PHE A 306 -20.60 5.01 -4.99
CA PHE A 306 -20.38 3.86 -5.91
C PHE A 306 -20.96 4.17 -7.30
N LYS A 307 -22.23 4.60 -7.39
CA LYS A 307 -22.92 4.92 -8.67
C LYS A 307 -22.26 6.07 -9.42
N LEU A 308 -22.04 7.20 -8.75
CA LEU A 308 -21.78 8.49 -9.46
C LEU A 308 -20.28 8.69 -9.69
N THR A 309 -19.43 8.12 -8.84
CA THR A 309 -17.96 8.42 -8.88
C THR A 309 -17.10 7.20 -9.23
N TYR A 310 -17.52 5.99 -8.87
CA TYR A 310 -16.76 4.74 -9.09
C TYR A 310 -17.23 4.05 -10.38
N GLN A 311 -18.54 3.86 -10.53
CA GLN A 311 -19.12 3.12 -11.69
C GLN A 311 -19.39 4.02 -12.91
N ASN A 312 -19.24 5.34 -12.72
CA ASN A 312 -19.17 6.41 -13.74
C ASN A 312 -18.10 7.39 -13.26
N LYS A 313 -17.13 7.72 -14.11
CA LYS A 313 -15.98 8.56 -13.71
C LYS A 313 -15.80 9.68 -14.72
N VAL A 314 -15.38 10.85 -14.24
CA VAL A 314 -15.03 12.02 -15.08
C VAL A 314 -13.63 12.41 -14.68
N VAL A 315 -12.77 12.56 -15.67
CA VAL A 315 -11.32 12.74 -15.44
C VAL A 315 -10.83 13.84 -16.38
N ARG A 316 -9.96 14.71 -15.87
CA ARG A 316 -9.29 15.78 -16.64
C ARG A 316 -7.79 15.45 -16.75
N VAL A 317 -7.32 15.12 -17.96
CA VAL A 317 -5.92 14.71 -18.25
C VAL A 317 -5.27 15.78 -19.14
N GLN A 318 -4.05 16.21 -18.80
CA GLN A 318 -3.24 17.16 -19.59
C GLN A 318 -2.58 16.42 -20.75
N ARG A 319 -2.67 16.99 -21.97
CA ARG A 319 -2.03 16.45 -23.19
C ARG A 319 -1.05 17.49 -23.73
N PRO A 320 0.25 17.14 -23.88
CA PRO A 320 1.26 18.09 -24.36
C PRO A 320 0.89 18.68 -25.74
N THR A 321 0.24 17.88 -26.59
CA THR A 321 -0.24 18.26 -27.94
C THR A 321 -0.71 19.72 -27.92
N THR A 325 -1.15 22.92 -25.23
CA THR A 325 -1.63 21.99 -24.17
C THR A 325 -3.15 22.14 -23.99
N VAL A 326 -3.88 21.03 -24.09
CA VAL A 326 -5.35 21.07 -23.89
C VAL A 326 -5.71 20.16 -22.72
N MET A 327 -6.74 20.52 -21.95
CA MET A 327 -7.19 19.63 -20.85
C MET A 327 -8.23 18.67 -21.43
N ASP A 328 -7.98 17.36 -21.32
CA ASP A 328 -8.90 16.35 -21.91
C ASP A 328 -9.90 15.89 -20.85
N ILE A 329 -11.18 16.14 -21.09
CA ILE A 329 -12.27 15.70 -20.18
C ILE A 329 -12.76 14.39 -20.75
N ILE A 330 -12.43 13.29 -20.07
CA ILE A 330 -12.72 11.91 -20.54
C ILE A 330 -13.55 11.20 -19.47
N SER A 331 -14.30 10.17 -19.84
CA SER A 331 -15.12 9.39 -18.90
C SER A 331 -14.92 7.90 -19.17
N ARG A 332 -15.20 7.04 -18.18
CA ARG A 332 -15.38 5.58 -18.37
C ARG A 332 -16.05 5.00 -17.15
N ARG A 333 -16.57 3.78 -17.29
CA ARG A 333 -17.38 3.12 -16.23
C ARG A 333 -16.47 2.26 -15.33
N ASP A 334 -15.46 1.60 -15.89
CA ASP A 334 -14.71 0.52 -15.20
C ASP A 334 -13.31 0.99 -14.76
N GLN A 335 -12.49 0.05 -14.27
CA GLN A 335 -11.16 0.28 -13.67
C GLN A 335 -11.30 0.89 -12.29
N ARG A 336 -10.22 0.84 -11.50
CA ARG A 336 -10.13 1.45 -10.15
C ARG A 336 -9.69 2.92 -10.28
N GLY A 337 -10.45 3.80 -9.64
CA GLY A 337 -10.21 5.25 -9.59
C GLY A 337 -10.97 5.85 -8.42
N SER A 338 -10.38 5.75 -7.24
CA SER A 338 -10.95 6.17 -5.93
C SER A 338 -9.81 6.74 -5.08
N GLY A 339 -10.08 7.12 -3.84
CA GLY A 339 -9.02 7.55 -2.91
C GLY A 339 -8.07 6.39 -2.73
N GLN A 340 -6.78 6.64 -2.44
CA GLN A 340 -5.80 5.54 -2.30
C GLN A 340 -6.20 4.65 -1.11
N VAL A 341 -6.80 5.20 -0.03
CA VAL A 341 -7.12 4.36 1.17
C VAL A 341 -8.34 3.48 0.89
N VAL A 342 -9.41 4.05 0.30
CA VAL A 342 -10.55 3.20 -0.17
C VAL A 342 -10.07 2.22 -1.25
N THR A 343 -9.19 2.64 -2.15
CA THR A 343 -8.61 1.71 -3.16
C THR A 343 -7.96 0.49 -2.48
N TYR A 344 -7.25 0.67 -1.36
CA TYR A 344 -6.53 -0.42 -0.68
C TYR A 344 -7.57 -1.43 -0.20
N GLY A 345 -8.62 -0.96 0.49
CA GLY A 345 -9.60 -1.89 1.10
C GLY A 345 -10.39 -2.67 0.04
N LEU A 346 -10.81 -2.00 -1.02
CA LEU A 346 -11.63 -2.64 -2.09
C LEU A 346 -10.75 -3.59 -2.93
N ASN A 347 -9.49 -3.21 -3.16
CA ASN A 347 -8.48 -4.12 -3.79
C ASN A 347 -8.32 -5.36 -2.92
N THR A 348 -8.16 -5.22 -1.60
CA THR A 348 -8.03 -6.36 -0.67
C THR A 348 -9.30 -7.25 -0.79
N PHE A 349 -10.48 -6.64 -0.77
CA PHE A 349 -11.77 -7.38 -0.82
C PHE A 349 -11.85 -8.24 -2.10
N THR A 350 -11.60 -7.60 -3.24
CA THR A 350 -11.80 -8.22 -4.58
C THR A 350 -10.68 -9.24 -4.84
N ASN A 351 -9.50 -9.01 -4.28
CA ASN A 351 -8.40 -9.99 -4.30
C ASN A 351 -8.76 -11.20 -3.42
N MET A 352 -9.31 -11.00 -2.22
CA MET A 352 -9.70 -12.13 -1.35
C MET A 352 -10.75 -12.97 -2.10
N GLU A 353 -11.69 -12.31 -2.74
CA GLU A 353 -12.76 -13.01 -3.51
C GLU A 353 -12.15 -13.87 -4.65
N ALA A 354 -11.32 -13.25 -5.48
CA ALA A 354 -10.66 -13.88 -6.63
C ALA A 354 -9.83 -15.07 -6.17
N GLN A 355 -9.07 -14.96 -5.08
CA GLN A 355 -8.21 -16.07 -4.59
C GLN A 355 -9.06 -17.20 -4.01
N LEU A 356 -10.17 -16.93 -3.35
CA LEU A 356 -11.08 -18.03 -2.85
C LEU A 356 -11.68 -18.76 -4.06
N ILE A 357 -11.99 -18.06 -5.12
CA ILE A 357 -12.56 -18.70 -6.34
C ILE A 357 -11.45 -19.53 -7.02
N ARG A 358 -10.22 -19.02 -7.09
CA ARG A 358 -9.12 -19.85 -7.61
C ARG A 358 -8.97 -21.08 -6.74
N GLN A 359 -8.99 -20.96 -5.41
CA GLN A 359 -8.93 -22.13 -4.51
C GLN A 359 -10.12 -23.07 -4.85
N MET A 360 -11.34 -22.58 -5.05
CA MET A 360 -12.50 -23.47 -5.36
C MET A 360 -12.20 -24.24 -6.67
N GLU A 361 -11.69 -23.56 -7.69
CA GLU A 361 -11.36 -24.19 -8.99
C GLU A 361 -10.37 -25.30 -8.76
N GLY A 362 -9.34 -25.10 -7.95
CA GLY A 362 -8.30 -26.14 -7.74
C GLY A 362 -8.89 -27.35 -7.02
N GLU A 363 -9.85 -27.12 -6.13
CA GLU A 363 -10.47 -28.20 -5.32
C GLU A 363 -11.61 -28.86 -6.13
N GLY A 364 -11.90 -28.41 -7.32
CA GLY A 364 -12.94 -29.03 -8.17
C GLY A 364 -14.35 -28.71 -7.73
N VAL A 365 -14.59 -27.58 -7.02
CA VAL A 365 -15.93 -27.26 -6.46
C VAL A 365 -16.92 -27.05 -7.60
N PHE A 366 -16.46 -26.48 -8.72
CA PHE A 366 -17.23 -26.22 -9.96
C PHE A 366 -16.41 -26.74 -11.15
N LYS A 367 -17.05 -27.12 -12.25
CA LYS A 367 -16.40 -27.86 -13.36
C LYS A 367 -15.99 -26.85 -14.44
N SER A 368 -16.82 -25.84 -14.70
CA SER A 368 -16.65 -24.90 -15.82
C SER A 368 -17.18 -23.51 -15.48
N ILE A 369 -16.51 -22.48 -16.00
CA ILE A 369 -16.85 -21.05 -15.79
C ILE A 369 -17.94 -20.63 -16.77
N GLN A 370 -18.19 -21.47 -17.79
CA GLN A 370 -19.17 -21.16 -18.87
C GLN A 370 -20.54 -20.96 -18.20
N HIS A 371 -20.84 -21.79 -17.21
CA HIS A 371 -22.19 -21.88 -16.60
C HIS A 371 -22.12 -22.72 -15.32
N LEU A 372 -22.57 -22.14 -14.21
CA LEU A 372 -22.84 -22.88 -12.95
C LEU A 372 -24.21 -23.51 -13.06
N THR A 373 -24.30 -24.82 -12.81
CA THR A 373 -25.54 -25.59 -12.61
C THR A 373 -26.14 -25.21 -11.26
N VAL A 374 -27.40 -25.58 -11.04
CA VAL A 374 -28.16 -25.19 -9.82
C VAL A 374 -27.48 -25.81 -8.59
N THR A 375 -27.05 -27.07 -8.72
CA THR A 375 -26.40 -27.82 -7.63
C THR A 375 -24.92 -27.38 -7.44
N GLU A 376 -24.26 -26.87 -8.49
CA GLU A 376 -22.89 -26.31 -8.33
C GLU A 376 -23.02 -25.06 -7.45
N GLU A 377 -24.06 -24.23 -7.64
CA GLU A 377 -24.30 -23.03 -6.78
C GLU A 377 -24.47 -23.46 -5.34
N ILE A 378 -25.29 -24.48 -5.07
CA ILE A 378 -25.46 -24.96 -3.66
C ILE A 378 -24.09 -25.46 -3.17
N ALA A 379 -23.30 -26.15 -4.00
CA ALA A 379 -21.96 -26.67 -3.62
C ALA A 379 -20.99 -25.52 -3.23
N VAL A 380 -20.95 -24.44 -4.03
CA VAL A 380 -20.12 -23.23 -3.80
C VAL A 380 -20.55 -22.60 -2.47
N LYS A 381 -21.86 -22.43 -2.26
CA LYS A 381 -22.42 -21.84 -1.02
C LYS A 381 -21.96 -22.70 0.16
N ASN A 382 -22.07 -24.03 0.03
CA ASN A 382 -21.81 -24.99 1.14
C ASN A 382 -20.30 -25.09 1.43
N TRP A 383 -19.47 -24.95 0.38
CA TRP A 383 -17.99 -24.86 0.54
C TRP A 383 -17.68 -23.63 1.43
N LEU A 384 -18.22 -22.47 1.06
CA LEU A 384 -17.98 -21.19 1.79
C LEU A 384 -18.39 -21.34 3.26
N VAL A 385 -19.58 -21.89 3.54
CA VAL A 385 -20.12 -22.02 4.92
C VAL A 385 -19.26 -23.04 5.65
N ARG A 386 -18.89 -24.14 5.00
CA ARG A 386 -18.16 -25.25 5.65
C ARG A 386 -16.67 -24.90 5.83
N VAL A 387 -16.00 -24.34 4.82
CA VAL A 387 -14.51 -24.22 4.92
C VAL A 387 -14.01 -22.80 4.56
N GLY A 388 -14.88 -21.87 4.21
CA GLY A 388 -14.54 -20.50 3.76
C GLY A 388 -13.56 -19.82 4.71
N ARG A 389 -13.84 -19.83 6.01
CA ARG A 389 -12.98 -19.13 6.99
C ARG A 389 -11.62 -19.85 7.03
N GLU A 390 -11.58 -21.17 6.93
CA GLU A 390 -10.27 -21.88 6.89
C GLU A 390 -9.47 -21.46 5.65
N ARG A 391 -10.12 -21.36 4.51
CA ARG A 391 -9.42 -21.05 3.24
C ARG A 391 -8.90 -19.60 3.26
N LEU A 392 -9.61 -18.71 3.96
CA LEU A 392 -9.15 -17.30 4.08
C LEU A 392 -7.87 -17.26 4.90
N SER A 393 -7.80 -18.09 5.93
CA SER A 393 -6.64 -18.13 6.84
C SER A 393 -5.40 -18.69 6.14
N ARG A 394 -5.60 -19.28 4.95
CA ARG A 394 -4.48 -19.85 4.16
C ARG A 394 -3.86 -18.75 3.30
N MET A 395 -4.32 -17.51 3.52
CA MET A 395 -3.83 -16.41 2.67
C MET A 395 -3.40 -15.15 3.43
N ALA A 396 -2.46 -14.42 2.86
CA ALA A 396 -2.01 -13.08 3.30
C ALA A 396 -2.19 -12.14 2.10
N ILE A 397 -3.09 -11.17 2.22
CA ILE A 397 -3.55 -10.32 1.11
C ILE A 397 -3.48 -8.86 1.56
N SER A 398 -2.70 -8.10 0.80
CA SER A 398 -2.50 -6.66 1.02
C SER A 398 -2.83 -5.98 -0.29
N GLY A 399 -4.07 -5.52 -0.43
CA GLY A 399 -4.49 -4.94 -1.73
C GLY A 399 -4.30 -5.92 -2.89
N ASP A 400 -3.59 -5.52 -3.94
CA ASP A 400 -3.35 -6.41 -5.11
C ASP A 400 -2.29 -7.47 -4.82
N ASP A 401 -1.67 -7.48 -3.65
CA ASP A 401 -0.56 -8.40 -3.34
C ASP A 401 -1.10 -9.58 -2.54
N CYS A 402 -0.83 -10.82 -2.95
CA CYS A 402 -1.29 -12.01 -2.23
C CYS A 402 -0.20 -13.06 -2.07
N VAL A 403 -0.40 -13.86 -1.02
CA VAL A 403 0.32 -15.15 -0.78
C VAL A 403 -0.78 -16.14 -0.40
N VAL A 404 -0.81 -17.28 -1.07
CA VAL A 404 -1.85 -18.32 -0.87
C VAL A 404 -1.15 -19.65 -0.63
N LYS A 405 -1.48 -20.32 0.45
CA LYS A 405 -1.08 -21.73 0.64
C LYS A 405 -2.33 -22.62 0.49
N PRO A 406 -2.61 -23.08 -0.76
CA PRO A 406 -3.79 -23.90 -1.03
C PRO A 406 -3.67 -25.30 -0.43
N LEU A 407 -4.78 -26.01 -0.50
CA LEU A 407 -4.89 -27.41 -0.01
C LEU A 407 -3.85 -28.29 -0.71
N ASP A 408 -3.53 -28.05 -1.97
CA ASP A 408 -2.55 -28.86 -2.73
C ASP A 408 -2.16 -28.10 -3.98
N ASP A 409 -1.35 -28.70 -4.87
CA ASP A 409 -0.80 -27.96 -6.02
C ASP A 409 -1.72 -28.01 -7.25
N ARG A 410 -2.93 -28.55 -7.17
CA ARG A 410 -3.89 -28.39 -8.30
C ARG A 410 -4.13 -26.90 -8.54
N PHE A 411 -4.02 -26.07 -7.49
CA PHE A 411 -4.15 -24.59 -7.56
C PHE A 411 -3.26 -24.01 -8.66
N ALA A 412 -2.05 -24.56 -8.84
CA ALA A 412 -1.05 -24.06 -9.81
C ALA A 412 -1.61 -23.95 -11.23
N SER A 413 -2.43 -24.92 -11.65
CA SER A 413 -2.97 -24.95 -13.03
C SER A 413 -4.45 -24.58 -13.04
N ALA A 414 -5.00 -24.01 -11.96
CA ALA A 414 -6.43 -23.62 -11.88
C ALA A 414 -6.54 -22.17 -12.32
N LEU A 415 -6.65 -21.93 -13.62
CA LEU A 415 -6.39 -20.60 -14.23
C LEU A 415 -7.61 -20.04 -14.97
N THR A 416 -8.70 -20.80 -15.14
CA THR A 416 -9.78 -20.34 -16.06
C THR A 416 -10.55 -19.17 -15.41
N ALA A 417 -10.99 -19.33 -14.17
CA ALA A 417 -11.71 -18.24 -13.44
C ALA A 417 -10.79 -17.01 -13.31
N LEU A 418 -9.53 -17.23 -12.90
CA LEU A 418 -8.59 -16.10 -12.66
C LEU A 418 -8.41 -15.30 -13.95
N ASN A 419 -8.18 -15.97 -15.10
CA ASN A 419 -8.00 -15.28 -16.39
C ASN A 419 -9.35 -14.65 -16.79
N ASP A 420 -10.47 -15.34 -16.60
CA ASP A 420 -11.80 -14.85 -17.07
C ASP A 420 -12.25 -13.64 -16.22
N MET A 421 -11.84 -13.56 -14.95
CA MET A 421 -12.12 -12.38 -14.09
C MET A 421 -11.28 -11.19 -14.55
N GLY A 422 -10.30 -11.40 -15.45
CA GLY A 422 -9.36 -10.40 -15.97
C GLY A 422 -8.12 -10.18 -15.10
N LYS A 423 -7.92 -10.97 -14.06
CA LYS A 423 -6.74 -10.89 -13.14
C LYS A 423 -5.57 -11.74 -13.71
N VAL A 424 -5.12 -11.35 -14.90
CA VAL A 424 -4.03 -12.01 -15.69
C VAL A 424 -2.72 -11.81 -14.92
N ARG A 425 -1.96 -12.89 -14.77
CA ARG A 425 -0.70 -12.93 -13.99
C ARG A 425 0.37 -12.23 -14.79
N LYS A 426 1.24 -11.49 -14.11
CA LYS A 426 2.44 -10.79 -14.65
C LYS A 426 3.58 -11.80 -14.94
N ASP A 427 4.30 -11.64 -16.06
CA ASP A 427 5.60 -12.31 -16.34
C ASP A 427 5.46 -13.83 -16.45
N ILE A 428 4.33 -14.31 -16.98
CA ILE A 428 4.10 -15.77 -17.21
C ILE A 428 3.02 -15.89 -18.30
N GLN A 429 3.10 -16.90 -19.15
CA GLN A 429 2.10 -17.10 -20.23
C GLN A 429 0.74 -17.42 -19.61
N GLN A 430 -0.33 -16.94 -20.23
CA GLN A 430 -1.69 -17.05 -19.65
C GLN A 430 -2.03 -18.45 -19.13
N TRP A 431 -1.59 -19.51 -19.82
CA TRP A 431 -2.02 -20.87 -19.43
C TRP A 431 -0.86 -21.71 -18.86
N GLU A 432 0.29 -21.10 -18.63
CA GLU A 432 1.41 -21.81 -17.97
C GLU A 432 1.11 -21.89 -16.47
N PRO A 433 1.26 -23.08 -15.86
CA PRO A 433 1.02 -23.22 -14.43
C PRO A 433 1.91 -22.34 -13.56
N SER A 434 1.34 -21.80 -12.50
CA SER A 434 2.08 -20.95 -11.53
C SER A 434 3.27 -21.73 -10.98
N ARG A 435 4.40 -21.04 -10.76
CA ARG A 435 5.55 -21.59 -10.01
C ARG A 435 5.43 -21.14 -8.55
N GLY A 436 5.27 -22.09 -7.62
CA GLY A 436 5.15 -21.79 -6.20
C GLY A 436 6.49 -21.86 -5.46
N TRP A 437 6.48 -21.50 -4.19
CA TRP A 437 7.69 -21.41 -3.36
C TRP A 437 7.60 -22.53 -2.36
N ASN A 438 8.69 -23.24 -2.13
CA ASN A 438 8.70 -24.34 -1.16
C ASN A 438 9.12 -23.89 0.23
N ASP A 439 9.55 -22.64 0.42
CA ASP A 439 10.09 -22.19 1.73
C ASP A 439 9.56 -20.77 1.96
N TRP A 440 8.86 -20.58 3.08
CA TRP A 440 8.20 -19.31 3.41
C TRP A 440 9.25 -18.18 3.45
N THR A 441 10.51 -18.51 3.69
CA THR A 441 11.60 -17.48 3.76
C THR A 441 12.02 -16.95 2.40
N GLN A 442 11.53 -17.56 1.31
CA GLN A 442 11.84 -17.13 -0.07
C GLN A 442 10.63 -16.43 -0.73
N VAL A 443 9.45 -16.50 -0.11
CA VAL A 443 8.20 -15.89 -0.68
C VAL A 443 8.30 -14.37 -0.68
N PRO A 444 8.07 -13.67 -1.82
CA PRO A 444 7.96 -12.23 -1.82
C PRO A 444 6.59 -11.76 -1.30
N PHE A 445 6.56 -10.71 -0.47
CA PHE A 445 5.28 -10.10 -0.05
C PHE A 445 5.55 -8.66 0.38
N CYS A 446 4.71 -7.73 -0.10
CA CYS A 446 4.80 -6.27 0.24
C CYS A 446 6.24 -5.78 0.05
N SER A 447 6.87 -6.23 -1.03
CA SER A 447 8.20 -5.77 -1.51
C SER A 447 9.32 -6.34 -0.62
N HIS A 448 9.05 -7.31 0.22
CA HIS A 448 10.03 -7.90 1.15
C HIS A 448 10.13 -9.43 0.99
N HIS A 449 11.17 -9.98 1.60
CA HIS A 449 11.21 -11.38 2.07
C HIS A 449 11.58 -11.36 3.53
N PHE A 450 11.50 -12.52 4.17
CA PHE A 450 11.60 -12.63 5.64
C PHE A 450 12.61 -13.71 6.02
N HIS A 451 13.45 -13.37 7.01
CA HIS A 451 14.49 -14.28 7.55
C HIS A 451 14.07 -14.74 8.95
N GLU A 452 14.44 -15.97 9.30
CA GLU A 452 14.34 -16.53 10.67
C GLU A 452 15.71 -16.33 11.36
N LEU A 453 15.76 -15.53 12.41
CA LEU A 453 17.06 -15.11 13.00
C LEU A 453 17.05 -15.50 14.48
N ILE A 454 17.99 -16.34 14.91
CA ILE A 454 18.00 -16.85 16.30
C ILE A 454 18.94 -15.99 17.14
N MET A 455 18.41 -15.47 18.22
CA MET A 455 19.19 -14.64 19.17
C MET A 455 20.14 -15.55 19.96
N LYS A 456 21.26 -14.98 20.39
N LYS A 456 21.26 -14.97 20.40
CA LYS A 456 22.29 -15.67 21.20
CA LYS A 456 22.29 -15.67 21.20
C LYS A 456 21.60 -16.41 22.35
C LYS A 456 21.59 -16.41 22.35
N ASP A 457 20.48 -15.88 22.87
CA ASP A 457 19.69 -16.51 23.98
C ASP A 457 18.63 -17.53 23.52
N GLY A 458 18.58 -17.92 22.24
CA GLY A 458 17.64 -18.95 21.76
C GLY A 458 16.31 -18.41 21.25
N ARG A 459 15.92 -17.16 21.57
CA ARG A 459 14.59 -16.68 21.11
C ARG A 459 14.64 -16.42 19.58
N VAL A 460 13.49 -16.50 18.93
CA VAL A 460 13.36 -16.43 17.45
C VAL A 460 12.77 -15.11 16.99
N LEU A 461 13.52 -14.42 16.15
CA LEU A 461 13.04 -13.22 15.44
C LEU A 461 12.71 -13.61 13.99
N VAL A 462 11.57 -13.16 13.49
CA VAL A 462 11.26 -13.25 12.05
C VAL A 462 11.28 -11.82 11.52
N VAL A 463 12.27 -11.52 10.71
CA VAL A 463 12.65 -10.13 10.35
C VAL A 463 12.39 -9.87 8.88
N PRO A 464 11.99 -8.63 8.57
CA PRO A 464 11.79 -8.18 7.19
C PRO A 464 13.10 -7.80 6.52
N CYS A 465 13.17 -8.02 5.21
CA CYS A 465 14.42 -7.79 4.42
C CYS A 465 14.07 -7.45 2.98
N ARG A 466 14.92 -6.63 2.34
CA ARG A 466 14.92 -6.49 0.89
C ARG A 466 16.30 -6.07 0.44
N ASN A 467 16.56 -6.14 -0.87
CA ASN A 467 17.89 -5.80 -1.40
C ASN A 467 18.31 -4.43 -0.78
N GLN A 468 19.53 -4.32 -0.29
CA GLN A 468 19.96 -3.17 0.53
C GLN A 468 20.14 -1.94 -0.37
N ASP A 469 20.39 -2.14 -1.66
CA ASP A 469 20.50 -0.99 -2.59
C ASP A 469 19.16 -0.28 -2.63
N GLU A 470 18.05 -1.02 -2.59
CA GLU A 470 16.71 -0.38 -2.65
C GLU A 470 16.50 0.46 -1.38
N LEU A 471 16.88 -0.05 -0.22
CA LEU A 471 16.69 0.68 1.06
C LEU A 471 17.51 1.97 1.10
N ILE A 472 18.79 1.87 0.75
CA ILE A 472 19.67 3.06 0.76
C ILE A 472 19.24 4.08 -0.32
N GLY A 473 18.86 3.59 -1.49
CA GLY A 473 18.47 4.47 -2.59
C GLY A 473 17.18 5.24 -2.26
N ARG A 474 16.27 4.61 -1.54
CA ARG A 474 15.00 5.29 -1.13
C ARG A 474 15.26 6.32 -0.03
N ALA A 475 16.12 6.04 0.95
CA ALA A 475 16.40 6.98 2.08
C ALA A 475 17.16 8.23 1.55
N ARG A 476 17.77 8.13 0.39
CA ARG A 476 18.53 9.25 -0.27
C ARG A 476 17.60 10.21 -1.04
N ILE A 477 16.31 9.96 -1.06
CA ILE A 477 15.36 10.75 -1.87
C ILE A 477 14.39 11.45 -0.94
N SER A 478 14.12 12.72 -1.23
N SER A 478 14.07 12.72 -1.25
CA SER A 478 12.99 13.50 -0.67
CA SER A 478 12.98 13.50 -0.60
C SER A 478 11.98 13.77 -1.79
C SER A 478 12.09 14.13 -1.68
N GLN A 479 10.77 14.18 -1.44
CA GLN A 479 9.75 14.65 -2.40
C GLN A 479 9.33 16.07 -1.99
N GLY A 480 9.14 16.96 -2.97
CA GLY A 480 8.62 18.34 -2.76
C GLY A 480 9.73 19.36 -2.55
N ALA A 481 9.35 20.64 -2.54
CA ALA A 481 10.28 21.80 -2.45
C ALA A 481 10.28 22.44 -1.06
N GLY A 482 11.21 23.37 -0.84
CA GLY A 482 11.27 24.26 0.33
C GLY A 482 11.67 23.47 1.56
N TRP A 483 12.47 22.42 1.43
CA TRP A 483 13.00 21.72 2.63
C TRP A 483 14.11 22.57 3.25
N SER A 484 13.94 22.95 4.50
CA SER A 484 15.07 23.50 5.31
C SER A 484 16.12 22.40 5.56
N LEU A 485 17.32 22.76 6.06
CA LEU A 485 18.34 21.77 6.52
C LEU A 485 17.80 20.96 7.70
N ARG A 486 17.12 21.62 8.66
CA ARG A 486 16.52 20.92 9.80
C ARG A 486 15.47 19.89 9.30
N GLU A 487 14.57 20.26 8.40
CA GLU A 487 13.51 19.32 7.95
C GLU A 487 14.16 18.14 7.17
N THR A 488 15.20 18.41 6.39
CA THR A 488 15.95 17.35 5.65
C THR A 488 16.62 16.40 6.68
N ALA A 489 17.22 16.94 7.74
CA ALA A 489 17.86 16.14 8.80
C ALA A 489 16.82 15.26 9.51
N CYS A 490 15.62 15.80 9.81
CA CYS A 490 14.58 15.07 10.55
C CYS A 490 14.02 13.95 9.64
N LEU A 491 13.94 14.15 8.33
CA LEU A 491 13.57 13.05 7.39
C LEU A 491 14.67 11.97 7.36
N GLY A 492 15.94 12.36 7.40
CA GLY A 492 17.00 11.34 7.47
C GLY A 492 16.92 10.54 8.75
N LYS A 493 16.59 11.20 9.87
CA LYS A 493 16.42 10.55 11.17
C LYS A 493 15.26 9.57 11.12
N SER A 494 14.15 9.89 10.47
CA SER A 494 13.02 8.95 10.27
C SER A 494 13.52 7.66 9.57
N TYR A 495 14.28 7.76 8.50
CA TYR A 495 14.82 6.55 7.80
C TYR A 495 15.75 5.79 8.75
N ALA A 496 16.64 6.50 9.44
CA ALA A 496 17.61 5.88 10.36
C ALA A 496 16.87 5.10 11.42
N GLN A 497 15.87 5.70 12.09
CA GLN A 497 15.11 4.97 13.12
C GLN A 497 14.30 3.78 12.52
N MET A 498 13.78 3.90 11.30
CA MET A 498 13.12 2.72 10.67
C MET A 498 14.14 1.60 10.51
N TRP A 499 15.34 1.93 10.08
CA TRP A 499 16.39 0.92 9.86
C TRP A 499 16.75 0.24 11.20
N SER A 500 16.87 1.01 12.29
N SER A 500 16.86 1.00 12.31
CA SER A 500 17.20 0.47 13.64
CA SER A 500 17.21 0.45 13.64
C SER A 500 16.11 -0.50 14.11
C SER A 500 16.11 -0.47 14.15
N LEU A 501 14.85 -0.25 13.75
CA LEU A 501 13.72 -1.08 14.21
C LEU A 501 13.47 -2.31 13.31
N MET A 502 13.58 -2.16 12.01
CA MET A 502 13.13 -3.17 11.03
C MET A 502 14.36 -3.90 10.45
N TYR A 503 15.49 -3.21 10.24
CA TYR A 503 16.61 -3.73 9.42
C TYR A 503 17.91 -3.76 10.24
N PHE A 504 17.81 -3.87 11.58
CA PHE A 504 18.93 -3.90 12.56
C PHE A 504 19.89 -5.04 12.20
N HIS A 505 19.34 -6.07 11.55
CA HIS A 505 20.05 -7.34 11.18
C HIS A 505 20.98 -7.15 9.98
N ARG A 506 20.95 -6.00 9.29
CA ARG A 506 21.82 -5.66 8.14
C ARG A 506 22.97 -4.81 8.70
N ARG A 507 24.21 -5.33 8.64
CA ARG A 507 25.40 -4.66 9.21
C ARG A 507 25.48 -3.21 8.74
N ASP A 508 25.33 -2.95 7.45
CA ASP A 508 25.57 -1.60 6.90
C ASP A 508 24.46 -0.65 7.42
N LEU A 509 23.24 -1.15 7.58
CA LEU A 509 22.13 -0.24 7.95
C LEU A 509 22.20 0.03 9.44
N ARG A 510 22.59 -0.93 10.28
CA ARG A 510 22.67 -0.59 11.73
C ARG A 510 23.74 0.49 11.91
N LEU A 511 24.86 0.37 11.18
CA LEU A 511 25.98 1.34 11.27
C LEU A 511 25.54 2.69 10.71
N ALA A 512 24.88 2.70 9.58
CA ALA A 512 24.47 3.98 8.94
C ALA A 512 23.37 4.65 9.79
N ALA A 513 22.49 3.86 10.38
CA ALA A 513 21.40 4.39 11.25
C ALA A 513 22.04 5.07 12.47
N ASN A 514 22.96 4.38 13.12
CA ASN A 514 23.70 4.95 14.29
C ASN A 514 24.40 6.24 13.89
N ALA A 515 25.05 6.28 12.73
CA ALA A 515 25.76 7.48 12.22
C ALA A 515 24.78 8.64 12.00
N ILE A 516 23.64 8.41 11.36
CA ILE A 516 22.64 9.48 11.07
C ILE A 516 22.13 9.98 12.43
N CYS A 517 21.79 9.07 13.35
CA CYS A 517 21.23 9.48 14.67
C CYS A 517 22.28 10.23 15.48
N SER A 518 23.56 10.03 15.21
CA SER A 518 24.69 10.73 15.88
C SER A 518 24.85 12.10 15.24
N ALA A 519 24.48 12.24 13.97
CA ALA A 519 24.77 13.44 13.14
C ALA A 519 23.64 14.47 13.28
N VAL A 520 22.45 14.04 13.63
CA VAL A 520 21.25 14.89 13.76
C VAL A 520 21.08 15.21 15.25
N PRO A 521 20.75 16.47 15.62
CA PRO A 521 20.57 16.78 17.03
C PRO A 521 19.62 15.81 17.73
N SER A 522 20.01 15.36 18.93
N SER A 522 20.02 15.39 18.94
CA SER A 522 19.36 14.27 19.70
CA SER A 522 19.39 14.31 19.74
C SER A 522 17.86 14.53 19.89
C SER A 522 17.89 14.53 19.91
N HIS A 523 17.46 15.78 20.19
CA HIS A 523 16.03 16.10 20.47
C HIS A 523 15.21 16.46 19.23
N TRP A 524 15.77 16.57 18.03
CA TRP A 524 14.96 16.92 16.84
C TRP A 524 14.04 15.76 16.48
N VAL A 525 12.81 16.05 16.11
CA VAL A 525 11.71 15.06 15.99
C VAL A 525 11.72 14.54 14.56
N PRO A 526 11.75 13.22 14.35
CA PRO A 526 11.68 12.67 13.00
C PRO A 526 10.39 13.10 12.28
N THR A 527 10.48 13.42 10.98
CA THR A 527 9.34 13.88 10.15
C THR A 527 9.16 13.05 8.88
N SER A 528 7.99 13.23 8.29
CA SER A 528 7.34 12.48 7.17
C SER A 528 7.73 11.01 7.16
N ALA A 536 0.17 -1.16 8.18
CA ALA A 536 1.50 -0.60 8.48
C ALA A 536 1.47 0.09 9.84
N THR A 537 2.59 0.12 10.55
CA THR A 537 2.68 0.78 11.87
C THR A 537 4.03 1.48 11.95
N HIS A 538 4.05 2.78 12.25
CA HIS A 538 5.33 3.54 12.22
C HIS A 538 5.86 3.82 13.62
N GLU A 539 6.31 2.77 14.30
CA GLU A 539 6.81 2.90 15.69
C GLU A 539 8.15 3.66 15.73
N TRP A 540 8.78 3.88 14.58
CA TRP A 540 10.07 4.62 14.51
C TRP A 540 9.84 6.13 14.54
N MET A 541 8.58 6.56 14.45
CA MET A 541 8.29 8.02 14.38
C MET A 541 8.11 8.51 15.84
N THR A 542 9.21 8.76 16.56
CA THR A 542 9.23 9.01 18.03
C THR A 542 10.59 9.57 18.42
N THR A 543 10.68 10.27 19.56
CA THR A 543 11.97 10.69 20.17
C THR A 543 12.35 9.77 21.34
N GLU A 544 11.56 8.74 21.61
CA GLU A 544 11.92 7.70 22.62
C GLU A 544 13.19 6.97 22.17
N ASP A 545 13.98 6.53 23.14
CA ASP A 545 15.22 5.74 22.94
C ASP A 545 14.89 4.52 22.04
N MET A 546 15.68 4.27 20.98
CA MET A 546 15.33 3.18 19.99
C MET A 546 15.51 1.79 20.64
N LEU A 547 16.38 1.62 21.64
CA LEU A 547 16.45 0.31 22.34
C LEU A 547 15.13 0.05 23.06
N THR A 548 14.54 1.05 23.74
CA THR A 548 13.26 0.89 24.44
C THR A 548 12.15 0.55 23.42
N VAL A 549 12.13 1.20 22.28
CA VAL A 549 11.13 0.90 21.23
C VAL A 549 11.38 -0.52 20.67
N TRP A 550 12.64 -0.91 20.49
CA TRP A 550 12.96 -2.25 19.94
C TRP A 550 12.37 -3.29 20.93
N ASN A 551 12.61 -3.13 22.21
CA ASN A 551 12.10 -4.06 23.25
C ASN A 551 10.58 -4.12 23.20
N ARG A 552 9.89 -3.00 23.06
CA ARG A 552 8.40 -2.96 23.08
C ARG A 552 7.87 -3.77 21.86
N VAL A 553 8.47 -3.54 20.70
CA VAL A 553 7.97 -4.10 19.41
C VAL A 553 8.34 -5.57 19.26
N TRP A 554 9.58 -5.98 19.54
CA TRP A 554 10.09 -7.32 19.22
C TRP A 554 9.90 -8.29 20.39
N ILE A 555 9.72 -7.78 21.62
CA ILE A 555 9.67 -8.64 22.83
C ILE A 555 8.31 -8.43 23.48
N GLN A 556 8.07 -7.27 24.10
CA GLN A 556 6.89 -7.04 24.99
C GLN A 556 5.59 -7.34 24.21
N GLU A 557 5.38 -6.68 23.07
CA GLU A 557 4.08 -6.69 22.34
C GLU A 557 4.06 -7.80 21.26
N ASN A 558 5.10 -8.62 21.18
CA ASN A 558 5.24 -9.65 20.11
C ASN A 558 4.51 -10.93 20.55
N PRO A 559 3.34 -11.28 19.98
CA PRO A 559 2.61 -12.45 20.43
C PRO A 559 3.30 -13.77 20.11
N TRP A 560 4.32 -13.77 19.25
CA TRP A 560 5.04 -15.04 18.94
C TRP A 560 6.24 -15.28 19.88
N MET A 561 6.55 -14.37 20.82
CA MET A 561 7.73 -14.42 21.74
C MET A 561 7.18 -14.74 23.16
N GLU A 562 7.33 -15.97 23.64
CA GLU A 562 6.76 -16.37 24.97
C GLU A 562 7.59 -15.71 26.10
N ASP A 563 8.91 -15.75 26.02
CA ASP A 563 9.84 -15.23 27.06
C ASP A 563 9.97 -13.72 26.92
N LYS A 564 9.55 -12.94 27.91
CA LYS A 564 9.46 -11.48 27.80
C LYS A 564 10.70 -10.80 28.43
N THR A 565 11.79 -11.51 28.61
CA THR A 565 13.00 -10.87 29.22
C THR A 565 13.47 -9.74 28.30
N PRO A 566 13.55 -8.48 28.78
CA PRO A 566 14.01 -7.36 27.95
C PRO A 566 15.47 -7.57 27.56
N VAL A 567 15.85 -6.99 26.42
CA VAL A 567 17.24 -6.95 25.93
C VAL A 567 17.86 -5.68 26.56
N GLU A 568 19.09 -5.78 27.04
CA GLU A 568 19.74 -4.71 27.85
C GLU A 568 20.64 -3.85 26.97
N SER A 569 21.09 -4.35 25.82
CA SER A 569 21.98 -3.57 24.92
C SER A 569 21.81 -4.02 23.46
N TRP A 570 22.23 -3.15 22.54
CA TRP A 570 22.15 -3.47 21.10
C TRP A 570 23.04 -4.70 20.79
N GLU A 571 24.07 -4.98 21.58
CA GLU A 571 24.98 -6.14 21.28
C GLU A 571 24.27 -7.48 21.45
N GLU A 572 23.20 -7.54 22.21
CA GLU A 572 22.38 -8.77 22.34
C GLU A 572 21.56 -9.03 21.05
N ILE A 573 21.45 -8.02 20.16
CA ILE A 573 20.49 -8.08 19.02
C ILE A 573 21.31 -8.58 17.84
N PRO A 574 20.95 -9.72 17.24
CA PRO A 574 21.80 -10.35 16.23
C PRO A 574 21.72 -9.74 14.83
N TYR A 575 22.70 -10.12 13.99
CA TYR A 575 22.77 -9.84 12.53
C TYR A 575 22.44 -11.12 11.75
N LEU A 576 22.05 -11.00 10.47
CA LEU A 576 22.06 -12.12 9.52
C LEU A 576 23.49 -12.72 9.53
N GLY A 577 23.66 -13.96 9.10
CA GLY A 577 25.02 -14.45 8.71
C GLY A 577 25.68 -13.47 7.76
N LYS A 578 27.01 -13.42 7.79
CA LYS A 578 27.76 -12.46 6.94
C LYS A 578 27.56 -12.77 5.45
N ARG A 579 27.47 -14.05 5.07
CA ARG A 579 27.25 -14.42 3.65
C ARG A 579 25.81 -14.05 3.25
N GLU A 580 24.84 -14.31 4.10
CA GLU A 580 23.41 -13.91 3.84
C GLU A 580 23.29 -12.38 3.69
N ASP A 581 24.07 -11.61 4.46
CA ASP A 581 24.04 -10.13 4.47
C ASP A 581 24.56 -9.65 3.11
N GLN A 582 25.64 -10.28 2.62
CA GLN A 582 26.20 -10.01 1.28
C GLN A 582 25.19 -10.40 0.20
N TRP A 583 24.57 -11.59 0.31
CA TRP A 583 23.55 -12.06 -0.68
C TRP A 583 22.42 -11.02 -0.81
N CYS A 584 22.07 -10.37 0.32
CA CYS A 584 20.99 -9.35 0.30
C CYS A 584 21.52 -7.92 0.08
N GLY A 585 22.75 -7.76 -0.42
CA GLY A 585 23.25 -6.43 -0.83
C GLY A 585 24.35 -5.78 0.01
N SER A 586 24.76 -6.38 1.14
CA SER A 586 25.77 -5.72 2.01
C SER A 586 27.08 -5.45 1.26
N LEU A 587 27.77 -4.37 1.62
CA LEU A 587 29.10 -4.08 1.04
C LEU A 587 30.18 -4.58 2.01
N ILE A 588 29.78 -5.32 3.05
CA ILE A 588 30.76 -5.88 4.01
C ILE A 588 31.79 -6.70 3.21
N GLY A 589 33.08 -6.45 3.45
CA GLY A 589 34.13 -7.13 2.66
C GLY A 589 34.80 -6.22 1.64
N LEU A 590 34.15 -5.11 1.29
CA LEU A 590 34.70 -4.15 0.30
C LEU A 590 35.64 -3.17 1.03
N THR A 591 36.76 -2.81 0.41
CA THR A 591 37.73 -1.85 1.00
C THR A 591 36.96 -0.57 1.34
N SER A 592 36.20 -0.05 0.39
CA SER A 592 35.38 1.18 0.54
C SER A 592 34.55 1.13 1.84
N ARG A 593 33.78 0.06 2.03
CA ARG A 593 32.91 -0.11 3.22
C ARG A 593 33.81 -0.10 4.47
N ALA A 594 34.99 -0.72 4.40
CA ALA A 594 35.93 -0.74 5.54
C ALA A 594 36.40 0.69 5.86
N THR A 595 36.71 1.49 4.85
CA THR A 595 37.21 2.86 5.09
C THR A 595 36.07 3.72 5.66
N TRP A 596 34.88 3.57 5.09
CA TRP A 596 33.66 4.25 5.60
C TRP A 596 33.48 3.93 7.09
N ALA A 597 33.43 2.65 7.44
CA ALA A 597 33.17 2.23 8.84
C ALA A 597 34.25 2.79 9.79
N LYS A 598 35.52 2.63 9.42
CA LYS A 598 36.66 3.04 10.29
C LYS A 598 36.64 4.57 10.48
N ASN A 599 36.32 5.33 9.43
CA ASN A 599 36.36 6.83 9.47
C ASN A 599 34.98 7.44 9.73
N ILE A 600 34.04 6.71 10.30
CA ILE A 600 32.62 7.18 10.32
C ILE A 600 32.49 8.47 11.17
N GLN A 601 33.31 8.63 12.21
N GLN A 601 33.31 8.63 12.21
CA GLN A 601 33.25 9.84 13.10
CA GLN A 601 33.28 9.82 13.10
C GLN A 601 33.57 11.09 12.29
C GLN A 601 33.57 11.09 12.28
N THR A 602 34.44 10.99 11.27
CA THR A 602 34.74 12.12 10.35
C THR A 602 33.51 12.50 9.50
N ALA A 603 32.71 11.54 9.06
CA ALA A 603 31.49 11.80 8.25
C ALA A 603 30.47 12.42 9.16
N ILE A 604 30.29 11.85 10.35
CA ILE A 604 29.36 12.38 11.37
C ILE A 604 29.73 13.83 11.66
N ASN A 605 31.04 14.14 11.84
CA ASN A 605 31.50 15.51 12.16
C ASN A 605 31.26 16.45 10.97
N GLN A 606 31.34 15.97 9.72
CA GLN A 606 31.04 16.81 8.54
C GLN A 606 29.58 17.28 8.60
N VAL A 607 28.65 16.37 8.86
CA VAL A 607 27.22 16.74 8.92
C VAL A 607 26.97 17.64 10.15
N ARG A 608 27.55 17.34 11.32
CA ARG A 608 27.40 18.19 12.52
C ARG A 608 27.88 19.62 12.24
N SER A 609 28.98 19.79 11.53
CA SER A 609 29.52 21.11 11.17
C SER A 609 28.56 21.85 10.24
N LEU A 610 27.85 21.17 9.35
CA LEU A 610 26.89 21.87 8.45
C LEU A 610 25.66 22.32 9.24
N ILE A 611 25.13 21.48 10.13
CA ILE A 611 23.90 21.77 10.90
C ILE A 611 24.23 22.85 11.95
N GLY A 612 25.41 22.78 12.54
CA GLY A 612 25.96 23.82 13.44
C GLY A 612 26.00 23.38 14.90
N ASN A 613 26.09 24.34 15.81
CA ASN A 613 26.33 24.08 17.25
C ASN A 613 25.00 23.71 17.95
N GLU A 614 24.75 22.43 18.09
CA GLU A 614 23.46 21.85 18.54
C GLU A 614 23.85 20.80 19.56
N GLU A 615 22.88 20.22 20.24
CA GLU A 615 23.16 19.10 21.20
C GLU A 615 23.07 17.79 20.39
N TYR A 616 24.17 17.04 20.38
CA TYR A 616 24.32 15.73 19.69
C TYR A 616 24.66 14.65 20.71
N THR A 617 24.26 13.41 20.42
CA THR A 617 24.65 12.17 21.15
C THR A 617 25.51 11.29 20.22
N ASP A 618 26.58 10.69 20.72
CA ASP A 618 27.34 9.64 20.00
C ASP A 618 26.67 8.28 20.24
N TYR A 619 25.97 7.72 19.23
CA TYR A 619 25.41 6.35 19.32
C TYR A 619 26.40 5.29 18.81
N MET A 620 27.56 5.64 18.25
CA MET A 620 28.46 4.62 17.65
C MET A 620 28.96 3.59 18.67
N PRO A 621 29.30 3.92 19.95
CA PRO A 621 29.69 2.90 20.95
C PRO A 621 28.62 1.90 21.44
N SER A 622 27.37 2.00 20.97
CA SER A 622 26.35 0.93 21.04
C SER A 622 26.77 -0.28 20.19
N MET A 623 27.75 -0.10 19.30
CA MET A 623 28.28 -1.20 18.46
C MET A 623 29.62 -1.69 19.04
N LYS A 624 29.81 -3.01 19.07
CA LYS A 624 31.04 -3.66 19.62
C LYS A 624 32.30 -2.93 19.11
N ARG A 625 32.41 -2.69 17.80
CA ARG A 625 33.70 -2.23 17.16
C ARG A 625 34.07 -0.78 17.53
N PHE A 626 33.14 0.07 17.99
CA PHE A 626 33.42 1.48 18.40
C PHE A 626 33.41 1.58 19.94
N ARG A 627 33.21 0.45 20.62
CA ARG A 627 33.13 0.40 22.09
C ARG A 627 34.56 0.24 22.64
N ARG A 628 35.46 1.16 22.27
CA ARG A 628 36.91 1.19 22.65
C ARG A 628 37.70 0.16 21.82
ZN ZN B . 17.35 -10.75 2.93
ZN ZN C . -20.43 14.45 -6.56
O1 MES D . 23.04 20.97 3.45
O1 MES D . 23.39 21.20 3.28
C2 MES D . 23.84 21.56 2.44
C2 MES D . 24.22 21.31 2.13
C3 MES D . 23.85 20.73 1.18
C3 MES D . 24.14 20.05 1.28
N4 MES D . 24.34 19.35 1.49
N4 MES D . 24.53 18.85 2.08
C5 MES D . 23.56 18.77 2.62
C5 MES D . 23.73 18.80 3.34
C6 MES D . 23.57 19.71 3.80
C6 MES D . 23.83 20.11 4.08
C7 MES D . 24.27 18.46 0.27
C7 MES D . 24.38 17.60 1.28
C8 MES D . 25.01 17.16 0.51
C8 MES D . 25.22 17.57 0.03
S MES D . 24.97 16.05 -0.89
S MES D . 24.93 16.14 -0.99
O1S MES D . 25.79 16.67 -1.91
O1S MES D . 25.25 15.00 -0.17
O2S MES D . 25.49 14.82 -0.37
O2S MES D . 23.55 16.19 -1.36
O3S MES D . 23.59 15.95 -1.29
O3S MES D . 25.80 16.27 -2.13
S DMS E . 20.25 5.11 17.40
O DMS E . 20.45 3.94 18.44
C1 DMS E . 18.79 5.94 17.86
C2 DMS E . 19.63 4.22 15.97
S DMS F . 26.55 -8.81 18.02
O DMS F . 25.09 -8.47 17.79
C1 DMS F . 27.44 -7.27 18.11
C2 DMS F . 27.20 -9.40 16.47
P PO4 G . 3.20 -11.02 -4.74
O1 PO4 G . 4.43 -11.66 -5.73
O2 PO4 G . 1.72 -11.74 -5.12
O3 PO4 G . 3.52 -11.28 -3.18
O4 PO4 G . 3.08 -9.57 -5.00
P PO4 H . -28.67 -1.59 -3.85
O1 PO4 H . -27.64 -0.88 -4.78
O2 PO4 H . -28.93 -3.02 -4.37
O3 PO4 H . -28.12 -1.61 -2.39
O4 PO4 H . -30.04 -0.83 -3.87
C1 PEG I . -1.28 -14.52 16.25
O1 PEG I . -1.31 -13.39 17.10
C2 PEG I . -1.11 -15.77 17.00
O2 PEG I . -0.07 -15.59 17.96
C3 PEG I . 0.03 -16.64 18.91
C4 PEG I . 1.00 -17.68 18.41
O4 PEG I . 2.02 -17.95 19.35
CL CL J . 11.62 -21.92 -2.81
C10 JMM K . 38.09 -6.25 4.88
C13 JMM K . 37.53 -6.82 7.64
C17 JMM K . 39.67 -3.76 3.31
C01 JMM K . 33.70 -7.44 9.61
C02 JMM K . 34.64 -6.94 8.69
C03 JMM K . 34.82 -7.92 7.77
O04 JMM K . 34.04 -9.00 8.08
C05 JMM K . 33.38 -8.67 9.22
C06 JMM K . 35.66 -8.08 6.56
O07 JMM K . 35.24 -8.73 5.61
N08 JMM K . 36.89 -7.53 6.55
C09 JMM K . 37.82 -7.63 5.42
N11 JMM K . 38.55 -5.34 5.95
C12 JMM K . 37.81 -5.39 7.22
C14 JMM K . 39.59 -4.53 5.76
O15 JMM K . 39.97 -3.77 6.64
C16 JMM K . 40.30 -4.54 4.43
C18 JMM K . 40.89 -3.24 3.94
#